data_7Q8M
#
_entry.id   7Q8M
#
_cell.length_a   94.23
_cell.length_b   94.23
_cell.length_c   125.61
_cell.angle_alpha   90.00
_cell.angle_beta   90.00
_cell.angle_gamma   90.00
#
_symmetry.space_group_name_H-M   'P 43 21 2'
#
loop_
_entity.id
_entity.type
_entity.pdbx_description
1 polymer 'Cathepsin L2'
2 polymer 'KPKKKTK Peptide'
3 non-polymer (4S)-2-METHYL-2,4-PENTANEDIOL
4 non-polymer GLYCEROL
5 non-polymer 'trifluoroacetic acid'
6 water water
#
loop_
_entity_poly.entity_id
_entity_poly.type
_entity_poly.pdbx_seq_one_letter_code
_entity_poly.pdbx_strand_id
1 'polypeptide(L)'
;DLPKSVDWRKKGYVTPVKNQKQCGSAWAFSATGALEGQMFRKTGKLVSLSEQNLVDCSRPQGNQGCNGGFMARAFQYVKE
NGGLDSEESYPYVAVDEICKYRPENSVAQDTGFTVVAPGKEKALMKAVATVGPISVAMDAGHSSFQFYKSGIYFEPDCSS
KNLDHGVLVVGYGFEGANSQNSKYWLVKNSWGPEWGSNGYVKIAKDKNNHCGIATAASYPNV
;
AA,BA
2 'polypeptide(L)' (ACE)KPKKKTK(NH2) PA,PB
#
# COMPACT_ATOMS: atom_id res chain seq x y z
N ASP A 1 24.79 8.92 5.51
CA ASP A 1 24.60 8.71 4.08
C ASP A 1 23.31 7.95 3.85
N LEU A 2 22.42 8.03 4.83
CA LEU A 2 21.14 7.37 4.76
C LEU A 2 20.22 8.04 3.74
N PRO A 3 19.30 7.29 3.13
CA PRO A 3 18.39 7.86 2.14
C PRO A 3 17.47 8.96 2.69
N LYS A 4 17.07 9.91 1.86
CA LYS A 4 16.15 10.95 2.34
C LYS A 4 14.74 10.40 2.72
N SER A 5 14.37 9.29 2.08
CA SER A 5 13.08 8.66 2.37
C SER A 5 13.25 7.21 2.02
N VAL A 6 12.44 6.35 2.71
CA VAL A 6 12.38 4.91 2.51
C VAL A 6 10.91 4.48 2.58
N ASP A 7 10.52 3.58 1.67
CA ASP A 7 9.18 3.00 1.77
C ASP A 7 9.24 1.56 1.27
N TRP A 8 9.35 0.60 2.22
CA TRP A 8 9.46 -0.80 1.81
C TRP A 8 8.25 -1.35 1.12
N ARG A 9 7.09 -0.67 1.25
CA ARG A 9 5.93 -1.16 0.57
C ARG A 9 6.13 -1.08 -0.93
N LYS A 10 6.92 -0.14 -1.38
CA LYS A 10 7.14 0.00 -2.81
C LYS A 10 8.09 -1.06 -3.41
N LYS A 11 8.74 -1.87 -2.57
CA LYS A 11 9.68 -2.86 -2.96
C LYS A 11 9.15 -4.27 -2.73
N GLY A 12 7.90 -4.40 -2.25
CA GLY A 12 7.28 -5.72 -2.12
C GLY A 12 7.47 -6.45 -0.83
N TYR A 13 8.00 -5.75 0.17
CA TYR A 13 8.28 -6.33 1.50
C TYR A 13 7.10 -6.41 2.46
N VAL A 14 5.98 -5.77 2.12
CA VAL A 14 4.86 -5.62 3.05
C VAL A 14 3.54 -6.19 2.56
N THR A 15 2.91 -7.03 3.40
CA THR A 15 1.63 -7.58 3.07
C THR A 15 0.48 -6.55 3.22
N PRO A 16 -0.67 -6.76 2.63
CA PRO A 16 -1.81 -5.82 2.81
C PRO A 16 -2.17 -5.72 4.31
N VAL A 17 -2.75 -4.62 4.69
CA VAL A 17 -3.12 -4.35 6.09
C VAL A 17 -4.09 -5.35 6.63
N LYS A 18 -3.78 -5.84 7.86
CA LYS A 18 -4.61 -6.85 8.52
C LYS A 18 -5.39 -6.21 9.65
N ASN A 19 -6.28 -6.99 10.28
CA ASN A 19 -7.12 -6.50 11.37
C ASN A 19 -7.16 -7.43 12.55
N GLN A 20 -6.63 -7.00 13.68
CA GLN A 20 -6.59 -7.82 14.89
C GLN A 20 -7.95 -7.96 15.50
N LYS A 21 -8.90 -7.10 15.11
N LYS A 21 -8.99 -7.13 15.14
CA LYS A 21 -10.25 -7.12 15.69
CA LYS A 21 -10.32 -7.15 15.76
C LYS A 21 -10.22 -7.02 17.25
C LYS A 21 -10.26 -6.94 17.26
N GLN A 22 -11.15 -7.67 18.01
CA GLN A 22 -11.21 -7.50 19.47
C GLN A 22 -10.34 -8.44 20.21
N CYS A 23 -9.08 -8.33 19.95
CA CYS A 23 -8.09 -9.19 20.58
C CYS A 23 -6.85 -8.34 20.76
N GLY A 24 -6.19 -8.37 21.94
CA GLY A 24 -5.00 -7.53 22.17
C GLY A 24 -3.79 -8.23 21.62
N SER A 25 -3.77 -8.41 20.32
CA SER A 25 -2.73 -9.12 19.62
C SER A 25 -1.87 -8.27 18.71
N ALA A 26 -1.85 -6.94 18.93
CA ALA A 26 -1.07 -6.12 18.00
C ALA A 26 0.36 -6.53 17.97
N TRP A 27 0.90 -6.98 19.10
CA TRP A 27 2.29 -7.45 19.16
C TRP A 27 2.55 -8.58 18.16
N ALA A 28 1.52 -9.43 17.92
CA ALA A 28 1.67 -10.53 16.97
C ALA A 28 1.69 -10.04 15.55
N PHE A 29 0.85 -9.03 15.25
CA PHE A 29 0.86 -8.46 13.92
C PHE A 29 2.12 -7.70 13.66
N SER A 30 2.65 -6.98 14.66
CA SER A 30 3.93 -6.29 14.46
C SER A 30 5.03 -7.31 14.15
N ALA A 31 5.04 -8.44 14.94
CA ALA A 31 6.08 -9.47 14.69
C ALA A 31 5.95 -10.15 13.36
N THR A 32 4.73 -10.51 12.95
CA THR A 32 4.62 -11.15 11.65
C THR A 32 4.99 -10.16 10.54
N GLY A 33 4.68 -8.88 10.75
CA GLY A 33 5.01 -7.93 9.72
C GLY A 33 6.51 -7.84 9.56
N ALA A 34 7.26 -7.79 10.70
CA ALA A 34 8.71 -7.69 10.54
C ALA A 34 9.30 -8.99 9.94
N LEU A 35 8.76 -10.18 10.37
CA LEU A 35 9.28 -11.43 9.80
C LEU A 35 8.91 -11.53 8.32
N GLU A 36 7.72 -11.01 7.91
CA GLU A 36 7.39 -11.05 6.50
C GLU A 36 8.40 -10.28 5.67
N GLY A 37 8.86 -9.15 6.18
CA GLY A 37 9.84 -8.37 5.43
C GLY A 37 11.19 -9.06 5.40
N GLN A 38 11.62 -9.65 6.54
CA GLN A 38 12.91 -10.33 6.48
C GLN A 38 12.92 -11.58 5.65
N MET A 39 11.82 -12.34 5.67
CA MET A 39 11.76 -13.52 4.83
C MET A 39 11.76 -13.15 3.35
N PHE A 40 11.12 -12.01 2.99
CA PHE A 40 11.12 -11.58 1.60
C PHE A 40 12.51 -11.16 1.20
N ARG A 41 13.23 -10.46 2.09
CA ARG A 41 14.60 -10.03 1.78
C ARG A 41 15.47 -11.26 1.54
N LYS A 42 15.16 -12.37 2.24
CA LYS A 42 16.00 -13.58 2.05
C LYS A 42 15.65 -14.44 0.89
N THR A 43 14.37 -14.57 0.56
CA THR A 43 13.95 -15.48 -0.50
C THR A 43 13.26 -14.89 -1.70
N GLY A 44 12.85 -13.60 -1.63
CA GLY A 44 12.10 -13.04 -2.76
C GLY A 44 10.62 -13.42 -2.77
N LYS A 45 10.11 -14.10 -1.72
CA LYS A 45 8.74 -14.48 -1.74
C LYS A 45 8.05 -13.84 -0.58
N LEU A 46 6.95 -13.16 -0.90
CA LEU A 46 6.16 -12.52 0.16
C LEU A 46 5.11 -13.46 0.64
N VAL A 47 5.21 -13.95 1.90
CA VAL A 47 4.19 -14.89 2.36
C VAL A 47 3.60 -14.40 3.67
N SER A 48 2.29 -14.25 3.68
CA SER A 48 1.59 -13.76 4.87
C SER A 48 1.78 -14.81 5.99
N LEU A 49 2.12 -14.35 7.19
CA LEU A 49 2.45 -15.22 8.33
C LEU A 49 1.35 -15.26 9.35
N SER A 50 1.35 -16.33 10.18
CA SER A 50 0.23 -16.52 11.11
C SER A 50 0.32 -15.85 12.47
N GLU A 51 -0.50 -14.78 12.67
CA GLU A 51 -0.60 -14.20 13.98
C GLU A 51 -1.26 -15.18 14.96
N GLN A 52 -2.17 -16.01 14.46
CA GLN A 52 -2.84 -16.91 15.41
C GLN A 52 -1.88 -17.94 15.97
N ASN A 53 -0.91 -18.34 15.18
CA ASN A 53 0.13 -19.28 15.65
C ASN A 53 0.85 -18.65 16.81
N LEU A 54 1.16 -17.33 16.72
CA LEU A 54 1.82 -16.69 17.87
C LEU A 54 0.89 -16.54 19.08
N VAL A 55 -0.38 -16.13 18.83
CA VAL A 55 -1.32 -15.97 19.93
C VAL A 55 -1.50 -17.26 20.72
N ASP A 56 -1.68 -18.34 19.99
CA ASP A 56 -1.98 -19.62 20.65
C ASP A 56 -0.82 -20.33 21.27
N CYS A 57 0.39 -20.12 20.71
CA CYS A 57 1.53 -20.95 21.11
C CYS A 57 2.66 -20.32 21.89
N SER A 58 2.68 -18.98 22.03
CA SER A 58 3.85 -18.40 22.66
C SER A 58 3.70 -18.02 24.13
N ARG A 59 2.73 -18.63 24.84
CA ARG A 59 2.67 -18.38 26.26
C ARG A 59 3.97 -18.78 27.01
N PRO A 60 4.62 -19.90 26.67
CA PRO A 60 5.84 -20.27 27.39
C PRO A 60 6.91 -19.21 27.37
N GLN A 61 6.94 -18.43 26.29
CA GLN A 61 7.89 -17.35 26.13
C GLN A 61 7.44 -16.02 26.82
N GLY A 62 6.28 -16.00 27.49
CA GLY A 62 5.82 -14.86 28.21
C GLY A 62 4.76 -14.02 27.54
N ASN A 63 4.21 -14.49 26.41
CA ASN A 63 3.09 -13.71 25.84
C ASN A 63 1.78 -14.16 26.47
N GLN A 64 0.74 -13.38 26.32
CA GLN A 64 -0.56 -13.68 26.96
C GLN A 64 -1.68 -13.64 25.93
N GLY A 65 -1.33 -14.04 24.72
CA GLY A 65 -2.31 -14.10 23.65
C GLY A 65 -3.08 -12.84 23.38
N CYS A 66 -4.46 -12.93 23.50
CA CYS A 66 -5.33 -11.78 23.27
C CYS A 66 -5.30 -10.80 24.43
N ASN A 67 -4.57 -11.15 25.52
N ASN A 67 -4.56 -11.14 25.54
CA ASN A 67 -4.40 -10.25 26.66
CA ASN A 67 -4.41 -10.23 26.67
C ASN A 67 -3.08 -9.47 26.59
C ASN A 67 -3.11 -9.43 26.58
N GLY A 68 -2.36 -9.56 25.45
CA GLY A 68 -1.13 -8.79 25.28
C GLY A 68 0.12 -9.62 25.14
N GLY A 69 1.22 -8.93 24.81
CA GLY A 69 2.44 -9.65 24.60
C GLY A 69 3.48 -8.68 24.06
N PHE A 70 4.58 -9.25 23.60
CA PHE A 70 5.71 -8.45 23.15
C PHE A 70 6.32 -9.03 21.92
N MET A 71 6.71 -8.19 20.97
CA MET A 71 7.32 -8.69 19.76
C MET A 71 8.62 -9.47 20.01
N ALA A 72 9.47 -9.05 20.99
CA ALA A 72 10.73 -9.81 21.20
C ALA A 72 10.38 -11.20 21.69
N ARG A 73 9.32 -11.33 22.50
CA ARG A 73 8.96 -12.67 22.96
C ARG A 73 8.42 -13.50 21.80
N ALA A 74 7.76 -12.86 20.81
CA ALA A 74 7.35 -13.65 19.66
C ALA A 74 8.53 -14.10 18.82
N PHE A 75 9.57 -13.22 18.61
CA PHE A 75 10.70 -13.69 17.86
C PHE A 75 11.41 -14.81 18.63
N GLN A 76 11.42 -14.71 19.97
CA GLN A 76 12.02 -15.81 20.81
C GLN A 76 11.24 -17.07 20.57
N TYR A 77 9.88 -17.01 20.51
CA TYR A 77 9.11 -18.20 20.21
C TYR A 77 9.48 -18.81 18.87
N VAL A 78 9.55 -17.96 17.79
CA VAL A 78 9.84 -18.56 16.50
C VAL A 78 11.22 -19.28 16.50
N LYS A 79 12.19 -18.68 17.20
CA LYS A 79 13.52 -19.32 17.32
C LYS A 79 13.47 -20.63 18.07
N GLU A 80 12.85 -20.61 19.26
CA GLU A 80 12.81 -21.87 20.07
C GLU A 80 12.00 -22.94 19.42
N ASN A 81 10.96 -22.54 18.66
CA ASN A 81 10.05 -23.44 18.01
C ASN A 81 10.52 -24.03 16.73
N GLY A 82 11.48 -23.34 16.08
CA GLY A 82 12.01 -23.79 14.81
C GLY A 82 11.19 -23.40 13.60
N GLY A 83 10.16 -22.55 13.78
CA GLY A 83 9.36 -22.20 12.62
C GLY A 83 8.09 -21.43 13.01
N LEU A 84 7.39 -21.02 11.98
CA LEU A 84 6.12 -20.26 12.12
C LEU A 84 5.27 -20.57 10.89
N ASP A 85 4.01 -20.88 11.07
CA ASP A 85 3.14 -21.23 9.98
C ASP A 85 2.61 -20.06 9.18
N SER A 86 2.18 -20.32 7.98
CA SER A 86 1.59 -19.25 7.15
C SER A 86 0.16 -18.86 7.63
N GLU A 87 -0.27 -17.65 7.27
CA GLU A 87 -1.59 -17.14 7.60
C GLU A 87 -2.64 -18.05 6.98
N GLU A 88 -2.36 -18.55 5.78
CA GLU A 88 -3.33 -19.39 5.11
C GLU A 88 -3.49 -20.69 5.86
N SER A 89 -2.39 -21.26 6.24
CA SER A 89 -2.52 -22.55 6.94
C SER A 89 -2.98 -22.48 8.40
N TYR A 90 -2.76 -21.34 9.09
CA TYR A 90 -3.14 -21.23 10.51
C TYR A 90 -3.87 -19.87 10.59
N PRO A 91 -5.12 -19.81 10.17
CA PRO A 91 -5.94 -18.58 10.14
C PRO A 91 -6.24 -17.91 11.44
N TYR A 92 -6.43 -16.55 11.29
CA TYR A 92 -6.71 -15.72 12.43
C TYR A 92 -8.15 -15.68 12.82
N VAL A 93 -8.42 -15.91 14.11
CA VAL A 93 -9.79 -15.89 14.61
C VAL A 93 -9.99 -14.94 15.77
N ALA A 94 -8.92 -14.22 16.20
CA ALA A 94 -9.08 -13.18 17.22
C ALA A 94 -9.58 -13.65 18.58
N VAL A 95 -9.25 -14.91 18.95
CA VAL A 95 -9.58 -15.41 20.28
C VAL A 95 -8.45 -16.39 20.60
N ASP A 96 -8.12 -16.55 21.90
CA ASP A 96 -7.12 -17.51 22.30
C ASP A 96 -7.60 -18.90 22.01
N GLU A 97 -6.80 -19.72 21.33
CA GLU A 97 -7.15 -21.10 21.00
C GLU A 97 -6.00 -22.08 21.28
N ILE A 98 -6.30 -23.38 21.06
CA ILE A 98 -5.28 -24.43 21.28
C ILE A 98 -4.18 -24.25 20.31
N CYS A 99 -2.96 -24.40 20.77
CA CYS A 99 -1.82 -24.35 19.84
C CYS A 99 -1.91 -25.48 18.83
N LYS A 100 -1.91 -25.13 17.53
CA LYS A 100 -2.03 -26.02 16.43
C LYS A 100 -0.84 -25.85 15.49
N TYR A 101 0.36 -25.53 16.06
CA TYR A 101 1.51 -25.35 15.17
C TYR A 101 1.80 -26.66 14.42
N ARG A 102 1.99 -26.57 13.14
CA ARG A 102 2.32 -27.71 12.27
C ARG A 102 3.63 -27.47 11.64
N PRO A 103 4.70 -28.22 11.96
CA PRO A 103 5.98 -27.97 11.33
C PRO A 103 5.97 -28.03 9.80
N GLU A 104 5.13 -28.88 9.16
CA GLU A 104 5.09 -29.05 7.73
C GLU A 104 4.50 -27.84 7.04
N ASN A 105 3.88 -26.96 7.84
CA ASN A 105 3.30 -25.74 7.26
C ASN A 105 4.15 -24.54 7.52
N SER A 106 5.32 -24.73 8.10
CA SER A 106 6.18 -23.57 8.40
C SER A 106 6.72 -22.93 7.13
N VAL A 107 6.73 -21.58 7.08
CA VAL A 107 7.27 -20.84 5.96
C VAL A 107 8.24 -19.77 6.46
N ALA A 108 8.59 -19.74 7.77
CA ALA A 108 9.57 -18.80 8.29
C ALA A 108 10.33 -19.31 9.49
N GLN A 109 11.51 -18.73 9.73
CA GLN A 109 12.38 -19.07 10.85
C GLN A 109 13.17 -17.84 11.24
N ASP A 110 13.64 -17.80 12.48
CA ASP A 110 14.55 -16.74 12.88
C ASP A 110 15.50 -17.30 13.94
N THR A 111 16.66 -16.66 14.09
CA THR A 111 17.67 -17.13 15.07
C THR A 111 17.72 -16.27 16.29
N GLY A 112 16.70 -15.40 16.45
CA GLY A 112 16.67 -14.47 17.54
C GLY A 112 16.37 -13.13 16.90
N PHE A 113 16.79 -12.09 17.53
CA PHE A 113 16.45 -10.73 17.03
C PHE A 113 17.49 -9.71 17.43
N THR A 114 17.49 -8.57 16.72
CA THR A 114 18.36 -7.46 16.99
C THR A 114 17.59 -6.27 17.58
N VAL A 115 18.07 -5.64 18.63
CA VAL A 115 17.43 -4.46 19.22
C VAL A 115 18.10 -3.18 18.73
N VAL A 116 17.29 -2.19 18.33
CA VAL A 116 17.79 -0.86 17.98
C VAL A 116 18.14 -0.09 19.24
N ALA A 117 19.27 0.73 19.20
CA ALA A 117 19.64 1.54 20.36
C ALA A 117 18.40 2.22 20.94
N PRO A 118 18.01 1.92 22.18
CA PRO A 118 16.79 2.56 22.67
C PRO A 118 16.77 4.09 22.76
N GLY A 119 15.61 4.62 22.36
CA GLY A 119 15.34 6.04 22.40
C GLY A 119 16.00 6.83 21.28
N LYS A 120 16.72 6.18 20.38
CA LYS A 120 17.39 6.94 19.36
C LYS A 120 16.71 6.90 18.00
N GLU A 121 16.03 8.01 17.63
CA GLU A 121 15.42 8.01 16.31
C GLU A 121 16.43 7.88 15.18
N LYS A 122 17.67 8.42 15.33
CA LYS A 122 18.61 8.24 14.23
C LYS A 122 19.02 6.78 14.06
N ALA A 123 19.08 5.99 15.18
CA ALA A 123 19.39 4.59 15.10
C ALA A 123 18.24 3.86 14.42
N LEU A 124 17.01 4.27 14.74
CA LEU A 124 15.89 3.62 14.08
C LEU A 124 15.88 3.92 12.62
N MET A 125 16.31 5.13 12.23
CA MET A 125 16.33 5.53 10.82
C MET A 125 17.32 4.64 10.05
N LYS A 126 18.50 4.36 10.69
CA LYS A 126 19.46 3.50 10.05
C LYS A 126 18.99 2.06 9.90
N ALA A 127 18.33 1.50 10.97
CA ALA A 127 17.82 0.14 10.83
C ALA A 127 16.76 0.07 9.72
N VAL A 128 15.79 1.05 9.69
CA VAL A 128 14.74 1.02 8.64
C VAL A 128 15.41 1.10 7.26
N ALA A 129 16.43 1.94 7.14
CA ALA A 129 17.04 2.09 5.83
C ALA A 129 17.86 0.90 5.34
N THR A 130 18.48 0.14 6.28
CA THR A 130 19.35 -0.94 5.82
C THR A 130 18.82 -2.37 5.94
N VAL A 131 17.75 -2.57 6.77
CA VAL A 131 17.25 -3.91 7.06
C VAL A 131 15.91 -4.26 6.41
N GLY A 132 14.98 -3.32 6.51
CA GLY A 132 13.60 -3.52 6.08
C GLY A 132 12.66 -3.04 7.17
N PRO A 133 11.40 -3.45 7.14
CA PRO A 133 10.43 -3.00 8.19
C PRO A 133 10.87 -3.42 9.59
N ILE A 134 10.61 -2.54 10.53
CA ILE A 134 11.07 -2.76 11.91
C ILE A 134 9.89 -2.80 12.88
N SER A 135 9.86 -3.78 13.81
CA SER A 135 8.82 -3.78 14.86
C SER A 135 9.07 -2.72 15.88
N VAL A 136 8.02 -1.97 16.27
CA VAL A 136 8.17 -0.92 17.29
C VAL A 136 6.96 -0.88 18.20
N ALA A 137 7.17 -0.40 19.44
CA ALA A 137 6.05 -0.17 20.35
C ALA A 137 5.75 1.33 20.33
N MET A 138 4.51 1.68 20.56
CA MET A 138 4.13 3.08 20.61
C MET A 138 3.04 3.34 21.62
N ASP A 139 2.88 4.62 21.99
CA ASP A 139 1.74 4.98 22.81
C ASP A 139 0.58 5.32 21.87
N ALA A 140 -0.38 4.40 21.74
CA ALA A 140 -1.57 4.61 20.90
C ALA A 140 -2.82 4.85 21.70
N GLY A 141 -2.65 5.05 22.99
CA GLY A 141 -3.80 5.19 23.88
C GLY A 141 -4.46 6.54 23.91
N HIS A 142 -4.89 7.02 22.76
CA HIS A 142 -5.57 8.30 22.66
C HIS A 142 -6.67 8.30 21.63
N SER A 143 -7.77 9.04 21.89
CA SER A 143 -8.83 9.12 20.91
C SER A 143 -8.35 9.74 19.64
N SER A 144 -7.28 10.64 19.68
CA SER A 144 -6.74 11.26 18.49
C SER A 144 -6.16 10.18 17.59
N PHE A 145 -5.68 9.09 18.20
CA PHE A 145 -5.13 7.98 17.40
C PHE A 145 -6.26 7.13 16.88
N GLN A 146 -7.23 6.83 17.72
CA GLN A 146 -8.36 6.03 17.24
C GLN A 146 -9.05 6.67 16.07
N PHE A 147 -9.21 8.01 16.12
CA PHE A 147 -9.91 8.68 15.02
C PHE A 147 -9.03 9.31 14.03
N TYR A 148 -7.73 8.96 14.04
CA TYR A 148 -6.81 9.50 13.12
C TYR A 148 -7.24 9.16 11.70
N LYS A 149 -7.16 10.12 10.80
CA LYS A 149 -7.56 9.83 9.44
C LYS A 149 -6.50 10.15 8.46
N SER A 150 -5.78 11.27 8.60
CA SER A 150 -4.79 11.64 7.63
C SER A 150 -3.80 12.65 8.13
N GLY A 151 -2.70 12.85 7.38
CA GLY A 151 -1.68 13.81 7.75
C GLY A 151 -0.69 13.30 8.78
N ILE A 152 0.18 14.18 9.23
CA ILE A 152 1.13 13.75 10.26
C ILE A 152 0.46 13.76 11.61
N TYR A 153 0.65 12.67 12.38
CA TYR A 153 0.07 12.57 13.70
C TYR A 153 1.02 13.11 14.78
N PHE A 154 0.51 14.05 15.56
CA PHE A 154 1.20 14.61 16.69
C PHE A 154 0.20 14.70 17.84
N GLU A 155 0.55 14.17 18.98
CA GLU A 155 -0.35 14.20 20.12
C GLU A 155 0.44 14.62 21.35
N PRO A 156 0.11 15.79 21.92
CA PRO A 156 0.78 16.31 23.11
C PRO A 156 0.77 15.41 24.29
N ASP A 157 -0.26 14.63 24.41
CA ASP A 157 -0.40 13.73 25.57
C ASP A 157 0.36 12.37 25.36
N CYS A 158 1.09 12.24 24.24
CA CYS A 158 1.86 11.01 23.97
C CYS A 158 3.02 10.83 24.92
N SER A 159 3.31 9.60 25.23
CA SER A 159 4.43 9.20 26.09
C SER A 159 5.47 8.52 25.24
N SER A 160 6.75 8.69 25.57
CA SER A 160 7.80 8.00 24.83
C SER A 160 8.33 6.88 25.70
N LYS A 161 7.77 6.71 26.90
CA LYS A 161 8.26 5.67 27.79
C LYS A 161 7.28 4.58 28.16
N ASN A 162 5.98 4.93 28.32
CA ASN A 162 5.00 3.94 28.73
C ASN A 162 4.16 3.66 27.55
N LEU A 163 4.47 2.56 26.89
CA LEU A 163 3.82 2.25 25.63
C LEU A 163 2.82 1.13 25.74
N ASP A 164 1.93 1.01 24.75
CA ASP A 164 0.86 0.02 24.81
C ASP A 164 0.45 -0.63 23.49
N HIS A 165 1.19 -0.41 22.42
CA HIS A 165 0.71 -0.94 21.13
C HIS A 165 1.86 -1.22 20.19
N GLY A 166 1.95 -2.46 19.70
CA GLY A 166 2.98 -2.82 18.73
C GLY A 166 2.53 -2.48 17.30
N VAL A 167 3.46 -1.91 16.53
CA VAL A 167 3.17 -1.52 15.14
C VAL A 167 4.42 -1.79 14.33
N LEU A 168 4.39 -1.46 13.02
CA LEU A 168 5.49 -1.75 12.14
C LEU A 168 5.95 -0.53 11.36
N VAL A 169 7.22 -0.12 11.54
CA VAL A 169 7.69 1.03 10.74
C VAL A 169 8.16 0.49 9.41
N VAL A 170 7.47 0.95 8.31
CA VAL A 170 7.81 0.44 6.96
C VAL A 170 8.62 1.46 6.19
N GLY A 171 8.92 2.58 6.79
CA GLY A 171 9.69 3.60 6.09
C GLY A 171 9.65 4.92 6.82
N TYR A 172 10.14 5.99 6.11
CA TYR A 172 10.09 7.31 6.69
C TYR A 172 10.12 8.27 5.50
N GLY A 173 9.76 9.50 5.75
CA GLY A 173 9.68 10.43 4.62
C GLY A 173 9.46 11.81 5.14
N PHE A 174 9.14 12.67 4.22
CA PHE A 174 8.94 14.08 4.51
C PHE A 174 7.93 14.67 3.54
N GLU A 175 7.34 15.80 3.91
CA GLU A 175 6.40 16.45 3.03
C GLU A 175 7.07 17.50 2.16
N GLY A 176 6.75 17.53 0.89
CA GLY A 176 7.29 18.55 0.01
C GLY A 176 8.73 18.38 -0.42
N ALA A 177 9.35 19.49 -0.92
CA ALA A 177 10.70 19.53 -1.45
C ALA A 177 11.86 19.41 -0.44
N ASN A 178 11.71 19.89 0.80
CA ASN A 178 12.83 19.84 1.73
C ASN A 178 12.83 18.54 2.51
N SER A 179 13.90 17.73 2.36
CA SER A 179 13.95 16.45 3.07
C SER A 179 13.95 16.56 4.59
N GLN A 180 14.34 17.71 5.17
CA GLN A 180 14.27 17.81 6.64
C GLN A 180 12.96 18.52 7.07
N ASN A 181 12.08 18.80 6.12
CA ASN A 181 10.82 19.48 6.45
C ASN A 181 9.61 18.56 6.63
N SER A 182 8.84 18.69 7.74
CA SER A 182 7.65 17.87 7.99
C SER A 182 7.95 16.37 7.89
N LYS A 183 8.98 15.92 8.60
CA LYS A 183 9.31 14.49 8.58
C LYS A 183 8.36 13.58 9.33
N TYR A 184 8.28 12.35 8.83
CA TYR A 184 7.39 11.39 9.50
C TYR A 184 7.90 9.95 9.34
N TRP A 185 7.44 9.09 10.26
CA TRP A 185 7.67 7.65 10.19
C TRP A 185 6.45 7.09 9.51
N LEU A 186 6.68 6.13 8.58
CA LEU A 186 5.53 5.44 7.91
C LEU A 186 5.18 4.21 8.74
N VAL A 187 4.01 4.20 9.39
CA VAL A 187 3.70 3.10 10.30
C VAL A 187 2.51 2.31 9.85
N LYS A 188 2.70 0.98 9.78
CA LYS A 188 1.60 0.10 9.44
C LYS A 188 0.89 -0.31 10.76
N ASN A 189 -0.41 -0.13 10.83
CA ASN A 189 -1.22 -0.62 11.96
C ASN A 189 -1.89 -1.93 11.66
N SER A 190 -2.60 -2.51 12.66
CA SER A 190 -3.33 -3.76 12.51
C SER A 190 -4.79 -3.59 12.89
N TRP A 191 -5.35 -2.41 12.47
CA TRP A 191 -6.78 -2.13 12.75
C TRP A 191 -7.58 -2.16 11.48
N GLY A 192 -7.02 -2.79 10.46
CA GLY A 192 -7.73 -2.90 9.20
C GLY A 192 -7.43 -1.74 8.28
N PRO A 193 -7.61 -1.93 6.97
CA PRO A 193 -7.38 -0.91 5.94
C PRO A 193 -8.28 0.33 6.11
N GLU A 194 -9.46 0.14 6.70
CA GLU A 194 -10.36 1.27 6.87
C GLU A 194 -9.94 2.23 7.98
N TRP A 195 -9.09 1.79 8.91
CA TRP A 195 -8.65 2.72 9.94
C TRP A 195 -7.58 3.67 9.40
N GLY A 196 -7.52 4.94 9.85
CA GLY A 196 -6.43 5.80 9.43
C GLY A 196 -6.27 6.05 7.94
N SER A 197 -5.04 6.09 7.47
CA SER A 197 -4.78 6.35 6.05
C SER A 197 -4.51 5.04 5.40
N ASN A 198 -5.55 4.38 4.88
CA ASN A 198 -5.36 3.04 4.26
C ASN A 198 -4.71 2.05 5.22
N GLY A 199 -4.94 2.28 6.49
CA GLY A 199 -4.46 1.36 7.54
C GLY A 199 -3.14 1.76 8.10
N TYR A 200 -2.57 2.83 7.56
CA TYR A 200 -1.30 3.41 7.95
C TYR A 200 -1.43 4.73 8.68
N VAL A 201 -0.29 5.15 9.33
CA VAL A 201 -0.34 6.47 10.00
C VAL A 201 1.05 7.03 9.80
N LYS A 202 1.15 8.36 9.58
CA LYS A 202 2.43 9.04 9.48
C LYS A 202 2.68 9.59 10.86
N ILE A 203 3.70 9.13 11.58
CA ILE A 203 3.91 9.68 12.94
C ILE A 203 5.03 10.67 12.86
N ALA A 204 4.85 11.79 13.61
CA ALA A 204 5.86 12.84 13.52
C ALA A 204 7.25 12.26 13.85
N LYS A 205 8.27 12.62 13.03
CA LYS A 205 9.64 12.17 13.12
C LYS A 205 10.60 13.31 13.51
N ASP A 206 11.59 12.99 14.32
CA ASP A 206 12.53 14.01 14.82
C ASP A 206 11.81 15.05 15.68
N LYS A 207 10.81 14.59 16.42
CA LYS A 207 10.08 15.42 17.38
C LYS A 207 10.21 14.74 18.74
N ASN A 208 11.47 14.52 19.18
CA ASN A 208 11.75 13.95 20.48
C ASN A 208 11.21 12.56 20.68
N ASN A 209 11.39 11.67 19.69
CA ASN A 209 10.93 10.29 19.87
C ASN A 209 9.43 10.26 20.18
N HIS A 210 8.66 10.93 19.30
CA HIS A 210 7.25 11.08 19.58
C HIS A 210 6.53 9.74 19.68
N CYS A 211 5.74 9.62 20.73
CA CYS A 211 4.94 8.41 21.05
C CYS A 211 5.81 7.20 21.24
N GLY A 212 7.12 7.40 21.48
CA GLY A 212 7.99 6.27 21.82
C GLY A 212 8.37 5.37 20.67
N ILE A 213 8.22 5.83 19.40
N ILE A 213 8.21 5.78 19.36
CA ILE A 213 8.49 4.92 18.29
CA ILE A 213 8.49 4.81 18.28
C ILE A 213 9.90 4.30 18.28
C ILE A 213 9.90 4.23 18.30
N ALA A 214 10.92 4.99 18.85
CA ALA A 214 12.26 4.41 18.84
C ALA A 214 12.66 3.85 20.21
N THR A 215 11.73 3.77 21.13
CA THR A 215 12.05 3.27 22.49
C THR A 215 12.25 1.78 22.59
N ALA A 216 11.54 0.98 21.79
CA ALA A 216 11.62 -0.46 21.90
C ALA A 216 11.43 -1.07 20.53
N ALA A 217 12.43 -0.84 19.67
CA ALA A 217 12.34 -1.29 18.32
C ALA A 217 13.23 -2.49 18.09
N SER A 218 12.79 -3.45 17.25
CA SER A 218 13.61 -4.64 17.00
C SER A 218 13.25 -5.29 15.70
N TYR A 219 14.08 -6.25 15.23
CA TYR A 219 13.73 -6.99 14.03
C TYR A 219 14.28 -8.40 14.14
N PRO A 220 13.64 -9.38 13.56
CA PRO A 220 14.12 -10.78 13.62
C PRO A 220 15.34 -11.01 12.76
N ASN A 221 16.17 -11.97 13.16
CA ASN A 221 17.36 -12.29 12.37
C ASN A 221 17.04 -13.57 11.60
N VAL A 222 17.03 -13.49 10.27
CA VAL A 222 16.65 -14.66 9.48
C VAL A 222 17.88 -15.30 8.79
N ASP B 1 -23.34 -13.21 -12.80
CA ASP B 1 -22.02 -13.82 -12.79
C ASP B 1 -21.00 -12.89 -12.13
N LEU B 2 -19.80 -13.41 -11.85
CA LEU B 2 -18.71 -12.66 -11.21
C LEU B 2 -19.01 -12.31 -9.72
N PRO B 3 -17.96 -12.06 -8.88
CA PRO B 3 -18.13 -11.73 -7.46
C PRO B 3 -18.91 -10.41 -7.21
N LYS B 4 -19.64 -10.28 -6.08
CA LYS B 4 -20.42 -9.08 -5.81
C LYS B 4 -19.53 -7.94 -5.40
N SER B 5 -18.29 -8.30 -5.08
CA SER B 5 -17.31 -7.31 -4.67
C SER B 5 -15.93 -7.76 -5.02
N VAL B 6 -15.04 -6.78 -5.25
CA VAL B 6 -13.67 -7.11 -5.59
C VAL B 6 -12.82 -6.00 -5.04
N ASP B 7 -11.70 -6.36 -4.38
CA ASP B 7 -10.77 -5.33 -3.88
C ASP B 7 -9.37 -5.88 -4.01
N TRP B 8 -8.66 -5.54 -5.12
CA TRP B 8 -7.35 -6.03 -5.40
C TRP B 8 -6.33 -5.54 -4.33
N ARG B 9 -6.65 -4.48 -3.61
CA ARG B 9 -5.71 -4.06 -2.58
C ARG B 9 -5.53 -5.14 -1.55
N LYS B 10 -6.60 -5.89 -1.31
CA LYS B 10 -6.45 -6.92 -0.27
C LYS B 10 -5.62 -8.11 -0.73
N LYS B 11 -5.29 -8.26 -2.05
CA LYS B 11 -4.56 -9.40 -2.51
C LYS B 11 -3.16 -9.09 -2.91
N GLY B 12 -2.69 -7.86 -2.59
CA GLY B 12 -1.30 -7.52 -2.87
C GLY B 12 -0.94 -6.92 -4.20
N TYR B 13 -1.98 -6.58 -5.00
CA TYR B 13 -1.79 -6.01 -6.34
C TYR B 13 -1.55 -4.49 -6.42
N VAL B 14 -1.71 -3.78 -5.32
CA VAL B 14 -1.69 -2.31 -5.40
C VAL B 14 -0.67 -1.64 -4.51
N THR B 15 0.18 -0.78 -5.12
CA THR B 15 1.16 0.04 -4.42
C THR B 15 0.51 1.18 -3.67
N PRO B 16 1.19 1.88 -2.74
CA PRO B 16 0.57 2.99 -2.02
C PRO B 16 0.16 4.08 -2.93
N VAL B 17 -0.77 4.87 -2.41
CA VAL B 17 -1.18 6.06 -3.15
C VAL B 17 -0.02 7.01 -3.43
N LYS B 18 0.05 7.54 -4.66
CA LYS B 18 1.14 8.38 -5.07
C LYS B 18 0.54 9.77 -5.35
N ASN B 19 1.44 10.71 -5.67
CA ASN B 19 1.01 12.11 -5.90
C ASN B 19 1.73 12.73 -7.08
N GLN B 20 0.95 12.98 -8.16
CA GLN B 20 1.50 13.60 -9.36
C GLN B 20 1.91 15.04 -9.14
N LYS B 21 1.38 15.68 -8.09
CA LYS B 21 1.68 17.09 -7.82
C LYS B 21 1.33 17.94 -9.04
N GLN B 22 2.10 18.99 -9.34
CA GLN B 22 1.68 19.93 -10.39
C GLN B 22 2.28 19.61 -11.72
N CYS B 23 1.83 18.50 -12.24
CA CYS B 23 2.25 17.93 -13.50
C CYS B 23 1.10 17.14 -14.06
N GLY B 24 0.77 17.32 -15.34
CA GLY B 24 -0.35 16.58 -15.93
C GLY B 24 0.06 15.19 -16.32
N SER B 25 0.39 14.37 -15.29
CA SER B 25 0.93 13.05 -15.53
C SER B 25 0.04 11.94 -15.02
N ALA B 26 -1.25 12.21 -14.78
CA ALA B 26 -2.11 11.12 -14.26
C ALA B 26 -2.12 9.92 -15.17
N TRP B 27 -1.99 10.13 -16.50
CA TRP B 27 -1.96 9.00 -17.41
C TRP B 27 -0.82 8.06 -17.08
N ALA B 28 0.31 8.62 -16.57
CA ALA B 28 1.46 7.80 -16.23
C ALA B 28 1.22 7.01 -14.96
N PHE B 29 0.57 7.66 -13.98
CA PHE B 29 0.24 6.92 -12.73
C PHE B 29 -0.78 5.84 -12.96
N SER B 30 -1.73 6.11 -13.86
CA SER B 30 -2.75 5.11 -14.14
C SER B 30 -2.07 3.93 -14.85
N ALA B 31 -1.11 4.19 -15.76
CA ALA B 31 -0.44 3.12 -16.48
C ALA B 31 0.47 2.32 -15.55
N THR B 32 1.26 3.01 -14.68
CA THR B 32 2.11 2.21 -13.78
C THR B 32 1.26 1.41 -12.82
N GLY B 33 0.10 1.92 -12.43
CA GLY B 33 -0.73 1.14 -11.51
C GLY B 33 -1.19 -0.13 -12.15
N ALA B 34 -1.58 -0.05 -13.44
CA ALA B 34 -2.07 -1.28 -14.05
C ALA B 34 -0.92 -2.23 -14.31
N LEU B 35 0.27 -1.72 -14.70
CA LEU B 35 1.43 -2.60 -14.94
C LEU B 35 1.93 -3.24 -13.62
N GLU B 36 1.79 -2.46 -12.50
CA GLU B 36 2.15 -3.00 -11.20
C GLU B 36 1.29 -4.16 -10.88
N GLY B 37 0.02 -4.06 -11.18
CA GLY B 37 -0.83 -5.20 -10.83
C GLY B 37 -0.50 -6.40 -11.70
N GLN B 38 -0.25 -6.18 -13.00
CA GLN B 38 0.02 -7.34 -13.86
C GLN B 38 1.37 -7.97 -13.60
N MET B 39 2.41 -7.20 -13.28
CA MET B 39 3.69 -7.77 -12.94
C MET B 39 3.57 -8.55 -11.63
N PHE B 40 2.75 -8.06 -10.67
CA PHE B 40 2.59 -8.80 -9.43
C PHE B 40 1.90 -10.13 -9.71
N ARG B 41 0.91 -10.12 -10.58
CA ARG B 41 0.21 -11.37 -10.91
C ARG B 41 1.20 -12.36 -11.53
N LYS B 42 2.23 -11.86 -12.25
CA LYS B 42 3.20 -12.72 -12.93
C LYS B 42 4.35 -13.23 -12.08
N THR B 43 4.79 -12.44 -11.09
CA THR B 43 5.98 -12.82 -10.36
C THR B 43 5.79 -12.96 -8.86
N GLY B 44 4.70 -12.39 -8.34
CA GLY B 44 4.46 -12.42 -6.90
C GLY B 44 5.16 -11.30 -6.16
N LYS B 45 5.79 -10.38 -6.91
CA LYS B 45 6.48 -9.27 -6.29
C LYS B 45 5.82 -7.98 -6.71
N LEU B 46 5.50 -7.13 -5.73
CA LEU B 46 4.87 -5.84 -5.96
C LEU B 46 5.96 -4.78 -5.94
N VAL B 47 6.29 -4.19 -7.11
CA VAL B 47 7.38 -3.23 -7.16
C VAL B 47 6.87 -1.94 -7.79
N SER B 48 7.03 -0.79 -7.08
CA SER B 48 6.53 0.46 -7.68
C SER B 48 7.36 0.79 -8.94
N LEU B 49 6.63 1.20 -9.99
CA LEU B 49 7.22 1.54 -11.28
C LEU B 49 7.40 3.05 -11.48
N SER B 50 8.31 3.42 -12.43
CA SER B 50 8.62 4.85 -12.60
C SER B 50 7.72 5.67 -13.52
N GLU B 51 6.91 6.50 -12.93
CA GLU B 51 6.13 7.43 -13.76
C GLU B 51 7.07 8.43 -14.41
N GLN B 52 8.19 8.78 -13.76
CA GLN B 52 9.07 9.74 -14.37
C GLN B 52 9.68 9.18 -15.65
N ASN B 53 9.92 7.87 -15.69
CA ASN B 53 10.44 7.25 -16.90
C ASN B 53 9.45 7.44 -18.03
N LEU B 54 8.14 7.27 -17.72
CA LEU B 54 7.13 7.46 -18.76
C LEU B 54 7.02 8.91 -19.14
N VAL B 55 7.03 9.83 -18.18
CA VAL B 55 6.90 11.26 -18.53
C VAL B 55 8.07 11.70 -19.47
N ASP B 56 9.29 11.38 -19.08
CA ASP B 56 10.48 11.78 -19.82
C ASP B 56 10.73 11.09 -21.13
N CYS B 57 10.28 9.84 -21.28
CA CYS B 57 10.68 9.05 -22.45
C CYS B 57 9.66 8.66 -23.47
N SER B 58 8.38 8.93 -23.26
CA SER B 58 7.38 8.41 -24.21
C SER B 58 6.80 9.38 -25.23
N ARG B 59 7.53 10.50 -25.47
CA ARG B 59 7.10 11.47 -26.47
C ARG B 59 7.00 10.79 -27.87
N PRO B 60 7.94 9.91 -28.26
CA PRO B 60 7.79 9.29 -29.59
C PRO B 60 6.49 8.56 -29.78
N GLN B 61 5.91 7.97 -28.69
CA GLN B 61 4.63 7.28 -28.76
C GLN B 61 3.42 8.20 -28.72
N GLY B 62 3.67 9.49 -28.60
CA GLY B 62 2.60 10.47 -28.64
C GLY B 62 2.18 11.05 -27.32
N ASN B 63 2.95 10.74 -26.26
CA ASN B 63 2.57 11.33 -24.96
C ASN B 63 3.25 12.70 -24.86
N GLN B 64 2.80 13.57 -23.96
CA GLN B 64 3.34 14.91 -23.86
C GLN B 64 3.79 15.27 -22.46
N GLY B 65 4.31 14.28 -21.72
CA GLY B 65 4.85 14.55 -20.38
C GLY B 65 3.89 15.16 -19.39
N CYS B 66 4.24 16.36 -18.83
CA CYS B 66 3.36 17.02 -17.86
C CYS B 66 2.21 17.71 -18.57
N ASN B 67 2.24 17.72 -19.92
CA ASN B 67 1.14 18.33 -20.66
C ASN B 67 0.05 17.32 -20.99
N GLY B 68 0.19 16.09 -20.52
CA GLY B 68 -0.84 15.07 -20.77
C GLY B 68 -0.34 13.89 -21.59
N GLY B 69 -1.20 12.86 -21.70
CA GLY B 69 -0.85 11.67 -22.39
C GLY B 69 -1.93 10.64 -22.26
N PHE B 70 -1.59 9.40 -22.68
CA PHE B 70 -2.55 8.32 -22.70
C PHE B 70 -1.97 7.02 -22.18
N MET B 71 -2.75 6.29 -21.35
CA MET B 71 -2.22 5.04 -20.81
C MET B 71 -1.86 4.05 -21.90
N ALA B 72 -2.64 3.99 -23.00
CA ALA B 72 -2.29 3.05 -24.02
C ALA B 72 -0.97 3.35 -24.67
N ARG B 73 -0.65 4.66 -24.84
CA ARG B 73 0.63 5.03 -25.44
C ARG B 73 1.76 4.70 -24.49
N ALA B 74 1.45 4.75 -23.18
CA ALA B 74 2.42 4.35 -22.19
C ALA B 74 2.73 2.85 -22.29
N PHE B 75 1.69 1.99 -22.42
CA PHE B 75 1.99 0.57 -22.56
C PHE B 75 2.72 0.33 -23.89
N GLN B 76 2.39 1.16 -24.92
CA GLN B 76 3.08 1.01 -26.23
C GLN B 76 4.54 1.36 -26.07
N TYR B 77 4.87 2.43 -25.26
CA TYR B 77 6.24 2.74 -24.99
C TYR B 77 6.96 1.60 -24.27
N VAL B 78 6.32 0.96 -23.26
CA VAL B 78 7.04 -0.08 -22.53
C VAL B 78 7.41 -1.22 -23.46
N LYS B 79 6.49 -1.50 -24.37
CA LYS B 79 6.68 -2.57 -25.36
C LYS B 79 7.79 -2.26 -26.35
N GLU B 80 7.76 -1.06 -26.90
CA GLU B 80 8.78 -0.67 -27.89
C GLU B 80 10.17 -0.57 -27.28
N ASN B 81 10.25 0.01 -26.05
CA ASN B 81 11.44 0.19 -25.30
C ASN B 81 12.09 -1.09 -24.75
N GLY B 82 11.28 -2.12 -24.53
CA GLY B 82 11.74 -3.39 -23.99
C GLY B 82 11.84 -3.37 -22.49
N GLY B 83 11.37 -2.27 -21.84
CA GLY B 83 11.43 -2.25 -20.39
C GLY B 83 10.91 -0.96 -19.79
N LEU B 84 10.88 -0.92 -18.44
CA LEU B 84 10.40 0.24 -17.66
C LEU B 84 11.11 0.13 -16.33
N ASP B 85 11.77 1.20 -15.92
CA ASP B 85 12.50 1.23 -14.69
C ASP B 85 11.63 1.34 -13.43
N SER B 86 12.20 0.85 -12.33
CA SER B 86 11.55 0.95 -11.01
C SER B 86 11.47 2.39 -10.54
N GLU B 87 10.45 2.70 -9.71
CA GLU B 87 10.42 4.07 -9.12
C GLU B 87 11.68 4.31 -8.28
N GLU B 88 12.23 3.29 -7.57
CA GLU B 88 13.43 3.52 -6.81
C GLU B 88 14.62 3.96 -7.66
N SER B 89 14.76 3.38 -8.85
CA SER B 89 15.90 3.77 -9.69
C SER B 89 15.70 5.09 -10.43
N TYR B 90 14.44 5.45 -10.71
CA TYR B 90 14.13 6.61 -11.56
C TYR B 90 13.00 7.35 -10.86
N PRO B 91 13.34 8.12 -9.86
CA PRO B 91 12.38 8.86 -9.04
C PRO B 91 11.55 9.95 -9.70
N TYR B 92 10.37 10.18 -9.10
CA TYR B 92 9.41 11.17 -9.62
C TYR B 92 9.68 12.57 -9.13
N VAL B 93 9.81 13.54 -10.02
CA VAL B 93 10.04 14.92 -9.59
C VAL B 93 8.98 15.89 -10.10
N ALA B 94 7.93 15.35 -10.78
CA ALA B 94 6.79 16.18 -11.22
C ALA B 94 7.13 17.30 -12.18
N VAL B 95 8.17 17.10 -13.02
CA VAL B 95 8.52 18.07 -14.06
C VAL B 95 8.96 17.28 -15.22
N ASP B 96 8.84 17.83 -16.42
N ASP B 96 8.90 17.90 -16.41
CA ASP B 96 9.28 17.14 -17.62
CA ASP B 96 9.37 17.28 -17.64
C ASP B 96 10.76 17.24 -17.78
C ASP B 96 10.87 17.28 -17.69
N GLU B 97 11.45 16.11 -17.83
CA GLU B 97 12.92 16.10 -17.92
C GLU B 97 13.43 15.20 -19.01
N ILE B 98 14.77 15.27 -19.23
CA ILE B 98 15.38 14.45 -20.29
C ILE B 98 15.34 12.98 -19.96
N CYS B 99 15.09 12.14 -20.96
CA CYS B 99 15.04 10.70 -20.70
C CYS B 99 16.31 10.12 -20.10
N LYS B 100 16.18 9.32 -19.03
CA LYS B 100 17.30 8.67 -18.36
C LYS B 100 17.10 7.15 -18.22
N TYR B 101 16.33 6.54 -19.13
CA TYR B 101 16.09 5.11 -19.03
C TYR B 101 17.38 4.27 -19.12
N ARG B 102 17.50 3.31 -18.22
CA ARG B 102 18.62 2.36 -18.23
C ARG B 102 18.05 0.94 -18.21
N PRO B 103 18.35 0.09 -19.20
CA PRO B 103 17.82 -1.28 -19.21
C PRO B 103 18.22 -2.10 -17.96
N GLU B 104 19.39 -1.84 -17.32
CA GLU B 104 19.80 -2.62 -16.15
C GLU B 104 18.85 -2.37 -15.03
N ASN B 105 18.17 -1.20 -15.08
CA ASN B 105 17.22 -0.84 -14.02
C ASN B 105 15.76 -1.24 -14.27
N SER B 106 15.49 -1.89 -15.40
CA SER B 106 14.10 -2.28 -15.72
C SER B 106 13.61 -3.42 -14.82
N VAL B 107 12.32 -3.41 -14.46
CA VAL B 107 11.65 -4.42 -13.63
C VAL B 107 10.27 -4.80 -14.22
N ALA B 108 9.95 -4.33 -15.45
CA ALA B 108 8.66 -4.64 -16.05
C ALA B 108 8.76 -4.62 -17.55
N GLN B 109 7.90 -5.39 -18.18
CA GLN B 109 7.81 -5.47 -19.63
C GLN B 109 6.37 -5.71 -19.99
N ASP B 110 6.02 -5.38 -21.23
CA ASP B 110 4.68 -5.75 -21.69
C ASP B 110 4.76 -5.92 -23.21
N THR B 111 3.85 -6.70 -23.71
CA THR B 111 3.77 -7.04 -25.14
C THR B 111 2.74 -6.21 -25.88
N GLY B 112 2.16 -5.22 -25.21
CA GLY B 112 1.10 -4.42 -25.77
C GLY B 112 0.00 -4.25 -24.74
N PHE B 113 -1.23 -3.98 -25.16
CA PHE B 113 -2.30 -3.82 -24.20
C PHE B 113 -3.62 -4.34 -24.73
N THR B 114 -4.52 -4.63 -23.82
CA THR B 114 -5.88 -5.08 -24.15
C THR B 114 -6.87 -3.99 -23.82
N VAL B 115 -7.82 -3.71 -24.75
CA VAL B 115 -8.83 -2.74 -24.51
C VAL B 115 -10.14 -3.36 -24.12
N VAL B 116 -10.72 -2.90 -23.01
CA VAL B 116 -12.04 -3.37 -22.57
C VAL B 116 -13.09 -2.82 -23.54
N ALA B 117 -14.20 -3.57 -23.79
CA ALA B 117 -15.13 -3.00 -24.76
C ALA B 117 -15.60 -1.63 -24.27
N PRO B 118 -15.45 -0.59 -25.10
CA PRO B 118 -15.87 0.73 -24.64
C PRO B 118 -17.34 0.96 -24.27
N GLY B 119 -17.57 1.74 -23.20
CA GLY B 119 -18.91 2.07 -22.76
C GLY B 119 -19.63 0.97 -22.00
N LYS B 120 -19.00 -0.22 -21.93
CA LYS B 120 -19.65 -1.36 -21.27
C LYS B 120 -19.24 -1.56 -19.82
N GLU B 121 -20.05 -1.06 -18.89
CA GLU B 121 -19.70 -1.25 -17.46
C GLU B 121 -19.67 -2.73 -17.13
N LYS B 122 -20.55 -3.54 -17.75
CA LYS B 122 -20.45 -4.92 -17.41
C LYS B 122 -19.16 -5.52 -17.91
N ALA B 123 -18.64 -5.04 -19.07
CA ALA B 123 -17.37 -5.54 -19.54
C ALA B 123 -16.28 -5.11 -18.60
N LEU B 124 -16.41 -3.90 -18.06
CA LEU B 124 -15.35 -3.47 -17.14
C LEU B 124 -15.42 -4.28 -15.87
N MET B 125 -16.62 -4.59 -15.43
CA MET B 125 -16.73 -5.40 -14.20
C MET B 125 -16.07 -6.76 -14.40
N LYS B 126 -16.29 -7.44 -15.59
CA LYS B 126 -15.62 -8.70 -15.82
C LYS B 126 -14.12 -8.59 -15.92
N ALA B 127 -13.58 -7.48 -16.49
CA ALA B 127 -12.15 -7.34 -16.59
C ALA B 127 -11.59 -7.16 -15.20
N VAL B 128 -12.28 -6.36 -14.40
CA VAL B 128 -11.83 -6.09 -13.04
C VAL B 128 -11.84 -7.36 -12.21
N ALA B 129 -12.88 -8.19 -12.41
CA ALA B 129 -12.88 -9.39 -11.58
C ALA B 129 -11.92 -10.49 -12.03
N THR B 130 -11.45 -10.47 -13.31
CA THR B 130 -10.55 -11.53 -13.77
C THR B 130 -9.06 -11.17 -14.02
N VAL B 131 -8.73 -9.87 -14.25
CA VAL B 131 -7.38 -9.49 -14.60
C VAL B 131 -6.67 -8.86 -13.45
N GLY B 132 -7.36 -7.98 -12.77
CA GLY B 132 -6.72 -7.21 -11.69
C GLY B 132 -7.04 -5.75 -11.90
N PRO B 133 -6.19 -4.83 -11.36
CA PRO B 133 -6.49 -3.39 -11.55
C PRO B 133 -6.50 -2.99 -13.02
N ILE B 134 -7.41 -2.05 -13.36
CA ILE B 134 -7.58 -1.64 -14.77
C ILE B 134 -7.39 -0.14 -14.96
N SER B 135 -6.57 0.26 -15.95
CA SER B 135 -6.48 1.73 -16.23
C SER B 135 -7.75 2.26 -16.84
N VAL B 136 -8.21 3.40 -16.41
CA VAL B 136 -9.43 4.04 -16.96
C VAL B 136 -9.28 5.53 -17.01
N ALA B 137 -10.00 6.13 -17.97
CA ALA B 137 -10.04 7.57 -18.06
C ALA B 137 -11.37 8.02 -17.49
N MET B 138 -11.43 9.21 -16.89
CA MET B 138 -12.65 9.74 -16.31
C MET B 138 -12.76 11.24 -16.48
N ASP B 139 -14.00 11.76 -16.32
CA ASP B 139 -14.22 13.19 -16.30
C ASP B 139 -14.05 13.71 -14.88
N ALA B 140 -12.83 14.23 -14.54
CA ALA B 140 -12.60 14.78 -13.21
C ALA B 140 -12.72 16.28 -13.21
N GLY B 141 -13.23 16.84 -14.32
CA GLY B 141 -13.27 18.30 -14.48
C GLY B 141 -14.40 19.05 -13.79
N HIS B 142 -14.69 18.73 -12.54
CA HIS B 142 -15.71 19.40 -11.75
C HIS B 142 -15.24 19.61 -10.30
N SER B 143 -15.65 20.70 -9.65
CA SER B 143 -15.19 20.97 -8.29
C SER B 143 -15.58 19.91 -7.28
N SER B 144 -16.69 19.22 -7.48
CA SER B 144 -17.14 18.21 -6.54
C SER B 144 -16.07 17.13 -6.39
N PHE B 145 -15.28 16.95 -7.45
CA PHE B 145 -14.23 15.95 -7.43
C PHE B 145 -13.06 16.41 -6.58
N GLN B 146 -12.63 17.67 -6.71
CA GLN B 146 -11.54 18.14 -5.89
C GLN B 146 -11.89 18.07 -4.42
N PHE B 147 -13.19 18.25 -4.11
CA PHE B 147 -13.63 18.32 -2.74
C PHE B 147 -14.23 17.07 -2.19
N TYR B 148 -14.23 16.01 -2.99
CA TYR B 148 -14.75 14.73 -2.54
C TYR B 148 -14.07 14.20 -1.29
N LYS B 149 -14.87 13.65 -0.37
CA LYS B 149 -14.25 13.09 0.86
C LYS B 149 -14.72 11.70 1.19
N SER B 150 -16.00 11.43 1.01
CA SER B 150 -16.53 10.11 1.38
C SER B 150 -17.82 9.80 0.64
N GLY B 151 -18.22 8.53 0.71
CA GLY B 151 -19.46 8.14 0.09
C GLY B 151 -19.29 7.86 -1.38
N ILE B 152 -20.42 7.68 -2.10
CA ILE B 152 -20.37 7.41 -3.52
C ILE B 152 -20.38 8.71 -4.26
N TYR B 153 -19.39 8.88 -5.12
CA TYR B 153 -19.32 10.09 -5.92
C TYR B 153 -20.29 10.03 -7.08
N PHE B 154 -21.17 11.03 -7.13
CA PHE B 154 -22.13 11.12 -8.24
C PHE B 154 -22.24 12.59 -8.58
N GLU B 155 -21.71 12.97 -9.76
CA GLU B 155 -21.76 14.33 -10.24
C GLU B 155 -22.74 14.41 -11.40
N PRO B 156 -23.83 15.13 -11.19
CA PRO B 156 -24.81 15.25 -12.29
C PRO B 156 -24.28 15.81 -13.59
N ASP B 157 -23.31 16.71 -13.50
CA ASP B 157 -22.70 17.35 -14.68
C ASP B 157 -21.63 16.45 -15.36
N CYS B 158 -21.38 15.22 -14.82
CA CYS B 158 -20.31 14.42 -15.42
C CYS B 158 -20.58 13.99 -16.85
N SER B 159 -19.53 13.96 -17.62
CA SER B 159 -19.55 13.50 -19.02
C SER B 159 -18.92 12.08 -19.14
N SER B 160 -19.43 11.21 -20.06
CA SER B 160 -18.90 9.87 -20.23
C SER B 160 -18.07 9.84 -21.47
N LYS B 161 -17.88 11.02 -22.17
CA LYS B 161 -17.12 11.08 -23.40
C LYS B 161 -15.99 12.08 -23.36
N ASN B 162 -16.18 13.16 -22.62
CA ASN B 162 -15.16 14.19 -22.52
C ASN B 162 -14.43 13.87 -21.28
N LEU B 163 -13.29 13.15 -21.43
CA LEU B 163 -12.54 12.70 -20.25
C LEU B 163 -11.18 13.37 -20.18
N ASP B 164 -10.76 13.71 -18.95
CA ASP B 164 -9.54 14.45 -18.78
C ASP B 164 -8.60 13.91 -17.73
N HIS B 165 -8.88 12.69 -17.24
CA HIS B 165 -8.04 12.24 -16.11
C HIS B 165 -7.90 10.73 -16.00
N GLY B 166 -6.67 10.21 -16.04
CA GLY B 166 -6.55 8.77 -15.91
C GLY B 166 -6.49 8.39 -14.44
N VAL B 167 -7.06 7.25 -14.15
CA VAL B 167 -7.13 6.75 -12.74
C VAL B 167 -7.06 5.23 -12.83
N LEU B 168 -7.15 4.53 -11.68
CA LEU B 168 -7.02 3.05 -11.71
C LEU B 168 -8.18 2.41 -10.98
N VAL B 169 -8.95 1.51 -11.65
CA VAL B 169 -10.02 0.85 -10.90
C VAL B 169 -9.37 -0.40 -10.26
N VAL B 170 -9.42 -0.45 -8.92
CA VAL B 170 -8.82 -1.56 -8.16
C VAL B 170 -9.90 -2.50 -7.68
N GLY B 171 -11.15 -2.20 -8.01
CA GLY B 171 -12.23 -3.07 -7.55
C GLY B 171 -13.60 -2.43 -7.67
N TYR B 172 -14.63 -3.02 -6.98
CA TYR B 172 -15.98 -2.47 -6.98
C TYR B 172 -16.74 -3.07 -5.80
N GLY B 173 -17.90 -2.55 -5.57
CA GLY B 173 -18.70 -3.00 -4.45
C GLY B 173 -20.01 -2.26 -4.31
N PHE B 174 -20.61 -2.30 -3.12
CA PHE B 174 -21.89 -1.68 -2.83
C PHE B 174 -22.02 -1.27 -1.36
N GLU B 175 -22.70 -0.15 -1.08
CA GLU B 175 -22.95 0.31 0.30
C GLU B 175 -24.24 -0.25 0.84
N GLY B 176 -24.33 -0.37 2.17
CA GLY B 176 -25.54 -0.89 2.80
C GLY B 176 -25.67 -2.39 2.65
N ALA B 177 -26.89 -2.95 2.85
CA ALA B 177 -27.02 -4.40 2.78
C ALA B 177 -27.05 -5.01 1.37
N ASN B 178 -27.89 -4.48 0.46
CA ASN B 178 -27.98 -5.13 -0.87
C ASN B 178 -26.76 -5.07 -1.78
N SER B 179 -26.45 -6.21 -2.44
CA SER B 179 -25.33 -6.28 -3.38
C SER B 179 -25.62 -5.48 -4.66
N GLN B 180 -26.91 -5.30 -4.98
CA GLN B 180 -27.28 -4.63 -6.21
C GLN B 180 -27.55 -3.13 -6.17
N ASN B 181 -27.57 -2.47 -4.99
CA ASN B 181 -27.82 -1.04 -5.09
C ASN B 181 -26.82 -0.25 -4.30
N SER B 182 -26.59 0.99 -4.78
CA SER B 182 -25.57 1.94 -4.36
C SER B 182 -24.21 1.29 -4.63
N LYS B 183 -24.10 0.74 -5.85
CA LYS B 183 -22.88 0.08 -6.32
C LYS B 183 -21.86 1.13 -6.66
N TYR B 184 -20.59 0.75 -6.57
CA TYR B 184 -19.55 1.72 -6.88
C TYR B 184 -18.29 1.08 -7.40
N TRP B 185 -17.50 1.85 -8.18
CA TRP B 185 -16.18 1.43 -8.61
C TRP B 185 -15.21 1.92 -7.56
N LEU B 186 -14.24 1.07 -7.18
CA LEU B 186 -13.19 1.51 -6.23
C LEU B 186 -12.03 2.04 -7.09
N VAL B 187 -11.77 3.38 -6.97
CA VAL B 187 -10.75 4.03 -7.82
C VAL B 187 -9.59 4.64 -7.06
N LYS B 188 -8.38 4.25 -7.47
CA LYS B 188 -7.18 4.85 -6.89
C LYS B 188 -6.83 6.10 -7.70
N ASN B 189 -6.70 7.22 -7.02
CA ASN B 189 -6.31 8.48 -7.70
C ASN B 189 -4.82 8.71 -7.44
N SER B 190 -4.24 9.74 -8.05
CA SER B 190 -2.81 10.06 -7.94
C SER B 190 -2.65 11.50 -7.44
N TRP B 191 -3.46 11.87 -6.46
CA TRP B 191 -3.40 13.18 -5.90
C TRP B 191 -2.96 13.14 -4.44
N GLY B 192 -2.27 12.03 -4.04
CA GLY B 192 -1.79 11.89 -2.67
C GLY B 192 -2.84 11.31 -1.76
N PRO B 193 -2.40 10.81 -0.58
CA PRO B 193 -3.31 10.21 0.39
C PRO B 193 -4.18 11.17 1.15
N GLU B 194 -3.92 12.47 1.07
CA GLU B 194 -4.77 13.37 1.84
C GLU B 194 -6.01 13.71 1.03
N TRP B 195 -5.94 13.64 -0.31
CA TRP B 195 -7.14 13.90 -1.12
C TRP B 195 -8.18 12.80 -1.02
N GLY B 196 -9.45 13.18 -1.05
CA GLY B 196 -10.52 12.20 -1.10
C GLY B 196 -10.59 11.29 0.08
N SER B 197 -10.86 9.99 -0.20
CA SER B 197 -10.95 9.04 0.91
C SER B 197 -9.62 8.34 1.00
N ASN B 198 -8.68 9.03 1.67
CA ASN B 198 -7.31 8.54 1.75
C ASN B 198 -6.71 8.21 0.40
N GLY B 199 -7.04 9.08 -0.63
CA GLY B 199 -6.45 8.90 -1.97
C GLY B 199 -7.32 8.13 -2.94
N TYR B 200 -8.42 7.54 -2.41
CA TYR B 200 -9.35 6.78 -3.23
C TYR B 200 -10.71 7.42 -3.35
N VAL B 201 -11.50 6.96 -4.33
CA VAL B 201 -12.85 7.50 -4.48
C VAL B 201 -13.78 6.36 -4.92
N LYS B 202 -15.01 6.36 -4.37
CA LYS B 202 -16.00 5.38 -4.82
C LYS B 202 -16.83 6.08 -5.89
N ILE B 203 -16.70 5.66 -7.13
CA ILE B 203 -17.51 6.32 -8.16
C ILE B 203 -18.74 5.50 -8.42
N ALA B 204 -19.85 6.17 -8.66
CA ALA B 204 -21.10 5.42 -8.86
C ALA B 204 -20.95 4.40 -10.00
N LYS B 205 -21.50 3.14 -9.81
CA LYS B 205 -21.36 2.08 -10.76
C LYS B 205 -22.73 1.71 -11.23
N ASP B 206 -22.82 1.36 -12.48
CA ASP B 206 -24.05 0.97 -13.17
C ASP B 206 -25.03 2.11 -13.16
N LYS B 207 -24.48 3.34 -13.23
CA LYS B 207 -25.31 4.53 -13.33
C LYS B 207 -24.97 5.16 -14.66
N ASN B 208 -25.14 4.38 -15.70
CA ASN B 208 -24.91 4.82 -17.07
C ASN B 208 -23.49 5.25 -17.40
N ASN B 209 -22.47 4.45 -16.98
CA ASN B 209 -21.09 4.79 -17.28
C ASN B 209 -20.78 6.15 -16.73
N HIS B 210 -21.07 6.35 -15.46
CA HIS B 210 -20.91 7.65 -14.86
C HIS B 210 -19.46 8.14 -14.91
N CYS B 211 -19.28 9.39 -15.33
CA CYS B 211 -17.97 10.02 -15.45
C CYS B 211 -17.06 9.30 -16.47
N GLY B 212 -17.60 8.38 -17.30
CA GLY B 212 -16.80 7.75 -18.33
C GLY B 212 -15.91 6.63 -17.86
N ILE B 213 -16.16 6.10 -16.64
N ILE B 213 -16.17 6.10 -16.63
CA ILE B 213 -15.22 5.08 -16.17
CA ILE B 213 -15.21 5.08 -16.15
C ILE B 213 -15.02 3.89 -17.10
C ILE B 213 -15.00 3.89 -17.08
N ALA B 214 -16.06 3.48 -17.89
CA ALA B 214 -15.92 2.36 -18.79
C ALA B 214 -15.70 2.82 -20.23
N THR B 215 -15.55 4.14 -20.48
CA THR B 215 -15.39 4.58 -21.86
C THR B 215 -14.04 4.25 -22.51
N ALA B 216 -12.93 4.28 -21.75
CA ALA B 216 -11.63 3.99 -22.31
C ALA B 216 -10.75 3.23 -21.30
N ALA B 217 -11.12 2.00 -21.02
CA ALA B 217 -10.44 1.12 -20.04
C ALA B 217 -9.46 0.14 -20.76
N SER B 218 -8.31 -0.16 -20.18
CA SER B 218 -7.31 -1.03 -20.76
C SER B 218 -6.32 -1.54 -19.70
N TYR B 219 -5.59 -2.59 -20.07
CA TYR B 219 -4.57 -3.09 -19.17
C TYR B 219 -3.41 -3.66 -19.99
N PRO B 220 -2.15 -3.62 -19.57
CA PRO B 220 -0.98 -4.13 -20.26
C PRO B 220 -0.96 -5.65 -20.35
N ASN B 221 -0.38 -6.21 -21.38
CA ASN B 221 -0.25 -7.65 -21.49
C ASN B 221 1.16 -8.04 -21.09
N VAL B 222 1.32 -8.78 -19.97
CA VAL B 222 2.66 -9.13 -19.51
C VAL B 222 3.07 -10.55 -19.85
N LYS C 6 2.63 -4.48 28.97
CA LYS C 6 2.55 -5.27 27.75
C LYS C 6 1.88 -4.47 26.69
N THR C 7 2.10 -4.86 25.43
CA THR C 7 1.42 -4.13 24.39
C THR C 7 0.27 -4.97 23.94
N LYS C 8 -0.81 -4.30 23.55
CA LYS C 8 -2.02 -4.97 23.06
C LYS C 8 -2.43 -4.41 21.76
N LYS D 4 -8.48 11.19 -28.21
CA LYS D 4 -8.27 12.55 -28.65
C LYS D 4 -7.71 13.43 -27.53
N LYS D 5 -8.52 13.79 -26.53
CA LYS D 5 -8.02 14.63 -25.46
C LYS D 5 -6.91 13.92 -24.70
N LYS D 6 -5.80 14.63 -24.45
CA LYS D 6 -4.71 14.06 -23.66
C LYS D 6 -5.25 14.00 -22.23
N THR D 7 -4.93 12.94 -21.46
CA THR D 7 -5.43 12.92 -20.09
C THR D 7 -4.34 13.52 -19.21
N LYS D 8 -4.71 14.30 -18.22
CA LYS D 8 -3.75 14.98 -17.34
C LYS D 8 -3.98 14.62 -15.92
#